data_3AAG
#
_entry.id   3AAG
#
_cell.length_a   115.258
_cell.length_b   115.258
_cell.length_c   88.883
_cell.angle_alpha   90.00
_cell.angle_beta   90.00
_cell.angle_gamma   120.00
#
_symmetry.space_group_name_H-M   'P 64'
#
loop_
_entity.id
_entity.type
_entity.pdbx_description
1 polymer 'General glycosylation pathway protein'
2 non-polymer 'CALCIUM ION'
#
_entity_poly.entity_id   1
_entity_poly.type   'polypeptide(L)'
_entity_poly.pdbx_seq_one_letter_code
;GPLGS(MLY)APTVFSQNEASLLNQL(MLY)NIANREDYVVTWWDYGYPVRYYSDV(MLY)TLVDGG(MLY)HLG(MLY)
DNFFPSFALS(MLY)DEQAAAN(MSE)ARLSVEYTE(MLY)SFYAPQNDIL(MLY)SDILQA(MSE)(MSE)(MLY)DYN
QSNVDLFLASLS(MLY)PDF(MLY)IDTP(MLY)TRDIYLY(MSE)PAR(MSE)SLIFSTVASFSFINLDTGVLD(MLY)
PFTFSTAYPLDV(MLY)NGEIYLSNGVVLSDDFRSF(MLY)IGDNVVSVNSIVEINSI(MLY)QGEY(MLY)ITPIDD
(MLY)AQFYIFYL(MLY)DSAIPYAQFIL(MSE)D(MLY)T(MSE)FNSAYVQ(MSE)FFLGNYD(MLY)NLFDLVINSR
DA(MLY)VF(MLY)L(MLY)I
;
_entity_poly.pdbx_strand_id   A,B
#
# COMPACT_ATOMS: atom_id res chain seq x y z
N ASN A 14 18.25 5.32 6.70
CA ASN A 14 17.86 6.37 5.72
C ASN A 14 17.99 5.89 4.28
N GLU A 15 16.88 5.88 3.56
CA GLU A 15 16.81 5.27 2.23
C GLU A 15 17.78 5.95 1.27
N ALA A 16 17.70 7.27 1.18
CA ALA A 16 18.57 8.04 0.31
C ALA A 16 20.02 7.61 0.45
N SER A 17 20.45 7.40 1.69
CA SER A 17 21.83 7.01 1.96
C SER A 17 22.14 5.64 1.37
N LEU A 18 21.25 4.69 1.61
CA LEU A 18 21.45 3.33 1.15
C LEU A 18 21.44 3.24 -0.38
N LEU A 19 20.53 3.99 -1.00
CA LEU A 19 20.42 4.00 -2.45
C LEU A 19 21.50 4.88 -3.08
N ASN A 20 22.05 5.80 -2.31
CA ASN A 20 23.23 6.55 -2.74
C ASN A 20 24.48 5.69 -2.64
N GLN A 21 24.50 4.80 -1.66
CA GLN A 21 25.49 3.74 -1.61
C GLN A 21 25.38 2.87 -2.85
N LEU A 22 24.15 2.64 -3.30
CA LEU A 22 23.92 1.81 -4.47
C LEU A 22 24.50 2.44 -5.71
N ASN A 24 27.19 4.20 -6.10
CA ASN A 24 28.63 4.00 -6.20
C ASN A 24 29.00 2.54 -6.43
N ILE A 25 28.26 1.63 -5.81
CA ILE A 25 28.52 0.21 -5.95
C ILE A 25 28.24 -0.25 -7.38
N ALA A 26 27.14 0.23 -7.95
CA ALA A 26 26.63 -0.29 -9.23
C ALA A 26 26.91 0.65 -10.40
N ASN A 27 26.34 0.32 -11.56
CA ASN A 27 26.62 1.05 -12.80
C ASN A 27 25.35 1.61 -13.44
N ARG A 28 25.51 2.66 -14.24
CA ARG A 28 24.37 3.31 -14.88
C ARG A 28 23.56 2.36 -15.73
N GLU A 29 24.20 1.31 -16.24
CA GLU A 29 23.53 0.37 -17.13
C GLU A 29 22.80 -0.72 -16.35
N ASP A 30 23.15 -0.88 -15.09
CA ASP A 30 22.60 -1.95 -14.27
C ASP A 30 21.11 -1.74 -14.02
N TYR A 31 20.41 -2.82 -13.73
CA TYR A 31 19.03 -2.74 -13.28
C TYR A 31 18.95 -2.97 -11.78
N VAL A 32 17.98 -2.33 -11.14
CA VAL A 32 17.52 -2.75 -9.84
C VAL A 32 16.13 -3.34 -9.99
N VAL A 33 15.98 -4.60 -9.59
CA VAL A 33 14.67 -5.25 -9.56
C VAL A 33 13.99 -4.99 -8.23
N THR A 34 12.77 -4.47 -8.29
CA THR A 34 12.03 -4.11 -7.09
C THR A 34 10.60 -3.69 -7.43
N TRP A 35 9.80 -3.45 -6.40
CA TRP A 35 8.41 -3.06 -6.61
C TRP A 35 8.32 -1.63 -7.11
N TRP A 36 7.25 -1.31 -7.83
CA TRP A 36 7.18 -0.03 -8.56
C TRP A 36 7.08 1.18 -7.65
N ASP A 37 6.57 0.97 -6.43
CA ASP A 37 6.48 2.05 -5.45
C ASP A 37 7.85 2.66 -5.15
N TYR A 38 8.91 1.93 -5.48
CA TYR A 38 10.27 2.41 -5.20
C TYR A 38 11.00 2.69 -6.50
N GLY A 39 10.32 2.49 -7.62
CA GLY A 39 10.90 2.73 -8.93
C GLY A 39 11.59 4.08 -9.03
N TYR A 40 10.87 5.14 -8.67
CA TYR A 40 11.41 6.49 -8.81
C TYR A 40 12.55 6.77 -7.84
N PRO A 41 12.33 6.53 -6.54
CA PRO A 41 13.40 6.72 -5.58
C PRO A 41 14.70 6.06 -6.04
N VAL A 42 14.61 4.82 -6.48
CA VAL A 42 15.80 4.06 -6.87
C VAL A 42 16.51 4.69 -8.08
N ARG A 43 15.73 5.07 -9.08
CA ARG A 43 16.29 5.67 -10.28
C ARG A 43 16.94 7.01 -9.96
N TYR A 44 16.36 7.73 -9.01
CA TYR A 44 16.90 9.03 -8.63
C TYR A 44 18.18 8.91 -7.82
N TYR A 45 18.15 8.06 -6.79
CA TYR A 45 19.27 7.96 -5.85
C TYR A 45 20.42 7.13 -6.43
N SER A 46 20.08 6.11 -7.22
CA SER A 46 21.08 5.14 -7.67
C SER A 46 21.52 5.39 -9.10
N ASP A 47 20.67 6.07 -9.87
CA ASP A 47 20.95 6.32 -11.28
C ASP A 47 21.12 5.00 -12.03
N VAL A 48 20.15 4.09 -11.88
CA VAL A 48 20.14 2.84 -12.61
C VAL A 48 18.77 2.61 -13.25
N THR A 50 15.24 0.43 -14.12
CA THR A 50 14.32 -0.39 -13.35
C THR A 50 13.28 -1.06 -14.26
N LEU A 51 12.54 -2.02 -13.71
CA LEU A 51 11.51 -2.73 -14.47
C LEU A 51 10.17 -2.01 -14.40
N VAL A 52 9.95 -1.27 -13.32
CA VAL A 52 8.67 -0.59 -13.11
C VAL A 52 8.83 0.67 -12.26
N ASP A 53 7.76 1.45 -12.18
CA ASP A 53 7.77 2.69 -11.42
C ASP A 53 6.40 3.37 -11.57
N GLY A 54 6.21 4.47 -10.86
CA GLY A 54 4.95 5.20 -10.90
C GLY A 54 4.37 5.29 -12.30
N GLY A 55 5.24 5.44 -13.29
CA GLY A 55 4.81 5.69 -14.67
C GLY A 55 4.65 4.42 -15.48
N HIS A 57 3.60 0.60 -14.41
CA HIS A 57 3.25 -0.53 -13.55
C HIS A 57 1.86 -1.08 -13.89
N LEU A 58 1.65 -1.39 -15.16
CA LEU A 58 0.50 -2.20 -15.56
C LEU A 58 0.69 -3.66 -15.14
N GLY A 59 -0.41 -4.41 -15.12
CA GLY A 59 -0.34 -5.83 -14.79
C GLY A 59 0.84 -6.52 -15.46
N ASP A 61 3.41 -5.39 -16.61
CA ASP A 61 4.66 -4.85 -16.08
C ASP A 61 4.99 -5.48 -14.73
N ASN A 62 4.03 -5.45 -13.81
CA ASN A 62 4.28 -5.86 -12.44
C ASN A 62 4.75 -7.30 -12.32
N PHE A 63 4.34 -8.13 -13.28
CA PHE A 63 4.56 -9.56 -13.18
C PHE A 63 6.00 -9.93 -12.85
N PHE A 64 6.94 -9.20 -13.44
CA PHE A 64 8.35 -9.62 -13.44
C PHE A 64 9.05 -9.30 -12.13
N PRO A 65 8.91 -8.06 -11.65
CA PRO A 65 9.42 -7.73 -10.33
C PRO A 65 8.78 -8.63 -9.29
N SER A 66 7.47 -8.82 -9.43
CA SER A 66 6.70 -9.61 -8.47
C SER A 66 7.18 -11.06 -8.43
N PHE A 67 7.40 -11.63 -9.60
CA PHE A 67 7.87 -13.01 -9.69
C PHE A 67 9.20 -13.19 -8.97
N ALA A 68 10.18 -12.36 -9.33
CA ALA A 68 11.51 -12.47 -8.74
C ALA A 68 11.55 -11.96 -7.30
N LEU A 69 10.36 -11.71 -6.74
CA LEU A 69 10.24 -11.31 -5.32
C LEU A 69 9.36 -12.27 -4.54
N SER A 70 8.51 -13.01 -5.24
CA SER A 70 7.52 -13.85 -4.60
C SER A 70 7.89 -15.33 -4.69
N ASP A 72 10.46 -18.76 -5.36
CA ASP A 72 11.63 -19.26 -4.66
C ASP A 72 12.89 -18.58 -5.18
N GLU A 73 13.95 -18.60 -4.37
CA GLU A 73 15.18 -17.89 -4.70
C GLU A 73 15.67 -18.21 -6.11
N GLN A 74 15.80 -19.49 -6.41
CA GLN A 74 16.35 -19.92 -7.68
C GLN A 74 15.49 -19.46 -8.85
N ALA A 75 14.17 -19.59 -8.69
CA ALA A 75 13.24 -19.10 -9.69
C ALA A 75 13.36 -17.59 -9.88
N ALA A 76 13.63 -16.88 -8.79
CA ALA A 76 13.73 -15.44 -8.84
C ALA A 76 15.07 -15.01 -9.43
N ALA A 77 16.11 -15.77 -9.13
CA ALA A 77 17.43 -15.52 -9.71
C ALA A 77 17.35 -15.55 -11.23
N ASN A 78 16.65 -16.55 -11.76
CA ASN A 78 16.56 -16.74 -13.20
C ASN A 78 15.69 -15.68 -13.89
N ALA A 80 14.98 -12.72 -12.78
CA ALA A 80 15.73 -11.48 -12.69
C ALA A 80 16.57 -11.31 -13.94
N ARG A 81 17.33 -12.33 -14.30
CA ARG A 81 18.19 -12.28 -15.47
C ARG A 81 17.37 -12.22 -16.76
N LEU A 82 16.35 -13.06 -16.85
CA LEU A 82 15.54 -13.13 -18.06
C LEU A 82 14.78 -11.84 -18.32
N SER A 83 14.04 -11.37 -17.31
CA SER A 83 13.21 -10.18 -17.49
C SER A 83 14.05 -8.95 -17.82
N VAL A 84 15.18 -8.80 -17.14
CA VAL A 84 16.09 -7.70 -17.40
C VAL A 84 16.63 -7.75 -18.82
N GLU A 85 17.08 -8.94 -19.24
CA GLU A 85 17.72 -9.09 -20.53
C GLU A 85 16.73 -8.91 -21.67
N TYR A 86 15.48 -9.32 -21.44
CA TYR A 86 14.46 -9.29 -22.49
C TYR A 86 13.78 -7.93 -22.58
N THR A 87 13.69 -7.24 -21.45
CA THR A 87 13.20 -5.86 -21.45
C THR A 87 14.18 -4.96 -22.18
N GLU A 88 15.45 -5.04 -21.80
CA GLU A 88 16.51 -4.32 -22.49
C GLU A 88 16.40 -4.54 -24.00
N SER A 90 14.02 -5.57 -25.65
CA SER A 90 12.70 -5.19 -26.16
C SER A 90 12.66 -3.74 -26.62
N PHE A 91 13.84 -3.17 -26.85
CA PHE A 91 13.94 -1.79 -27.31
C PHE A 91 14.69 -1.67 -28.63
N TYR A 92 14.75 -2.78 -29.37
CA TYR A 92 15.38 -2.78 -30.69
C TYR A 92 14.47 -3.40 -31.74
N ASP A 97 8.78 -6.44 -32.65
CA ASP A 97 7.76 -7.46 -32.95
C ASP A 97 7.11 -7.98 -31.69
N ILE A 98 7.15 -9.29 -31.49
CA ILE A 98 6.63 -9.91 -30.27
C ILE A 98 7.35 -9.35 -29.05
N LEU A 99 8.68 -9.31 -29.13
CA LEU A 99 9.50 -8.81 -28.03
C LEU A 99 8.96 -7.49 -27.48
N SER A 101 5.73 -5.61 -26.29
CA SER A 101 4.41 -5.96 -25.78
C SER A 101 4.23 -7.49 -25.74
N ASP A 102 4.51 -8.07 -24.57
CA ASP A 102 4.43 -9.51 -24.36
C ASP A 102 5.82 -10.14 -24.36
N ILE A 103 6.59 -9.81 -23.33
CA ILE A 103 7.99 -10.21 -23.25
C ILE A 103 8.13 -11.64 -22.73
N LEU A 104 7.09 -12.13 -22.06
CA LEU A 104 7.10 -13.49 -21.53
C LEU A 104 6.95 -14.52 -22.64
N GLN A 105 6.15 -14.21 -23.64
CA GLN A 105 6.00 -15.07 -24.80
C GLN A 105 7.33 -15.18 -25.56
N ALA A 106 7.97 -14.03 -25.79
CA ALA A 106 9.27 -14.01 -26.45
C ALA A 106 10.22 -15.04 -25.84
N ASP A 110 12.06 -18.78 -27.27
CA ASP A 110 13.48 -19.05 -27.19
C ASP A 110 13.77 -20.19 -26.20
N TYR A 111 12.71 -20.81 -25.71
CA TYR A 111 12.84 -22.01 -24.89
C TYR A 111 11.83 -23.06 -25.33
N ASN A 112 11.22 -22.83 -26.49
CA ASN A 112 10.29 -23.79 -27.08
C ASN A 112 9.32 -24.38 -26.07
N GLN A 113 8.85 -23.55 -25.14
CA GLN A 113 7.82 -23.94 -24.21
C GLN A 113 6.48 -23.35 -24.61
N SER A 114 5.48 -24.20 -24.79
CA SER A 114 4.17 -23.76 -25.27
C SER A 114 3.23 -23.50 -24.10
N ASN A 115 3.57 -24.02 -22.93
CA ASN A 115 2.71 -23.91 -21.75
C ASN A 115 3.28 -22.97 -20.70
N VAL A 116 2.61 -21.84 -20.50
CA VAL A 116 3.10 -20.81 -19.60
C VAL A 116 3.43 -21.35 -18.22
N ASP A 117 2.57 -22.24 -17.72
CA ASP A 117 2.64 -22.69 -16.34
C ASP A 117 3.87 -23.58 -16.10
N LEU A 118 4.28 -24.31 -17.14
CA LEU A 118 5.35 -25.29 -17.01
C LEU A 118 6.72 -24.67 -17.18
N PHE A 119 6.82 -23.70 -18.10
CA PHE A 119 8.02 -22.89 -18.22
C PHE A 119 8.32 -22.17 -16.93
N LEU A 120 7.28 -21.56 -16.34
CA LEU A 120 7.44 -20.82 -15.10
C LEU A 120 7.85 -21.73 -13.94
N ALA A 121 7.21 -22.89 -13.85
CA ALA A 121 7.67 -23.94 -12.95
C ALA A 121 9.06 -24.41 -13.35
N SER A 122 9.35 -24.30 -14.64
CA SER A 122 10.65 -24.66 -15.18
C SER A 122 11.78 -23.95 -14.44
N LEU A 123 11.51 -22.72 -14.00
CA LEU A 123 12.56 -21.81 -13.56
C LEU A 123 13.12 -22.19 -12.19
N SER A 124 12.33 -22.90 -11.40
CA SER A 124 12.73 -23.26 -10.05
C SER A 124 13.82 -24.31 -10.04
N PRO A 126 17.30 -26.10 -10.54
CA PRO A 126 18.73 -25.80 -10.61
C PRO A 126 19.32 -26.13 -11.99
N ASP A 127 18.62 -26.95 -12.75
CA ASP A 127 19.03 -27.28 -14.11
C ASP A 127 18.27 -26.48 -15.16
N PHE A 128 18.43 -25.15 -15.11
CA PHE A 128 17.84 -24.29 -16.12
C PHE A 128 18.90 -23.46 -16.85
N ILE A 130 20.50 -20.60 -18.93
CA ILE A 130 20.42 -19.22 -19.40
C ILE A 130 21.19 -19.04 -20.70
N ASP A 131 20.48 -19.14 -21.82
CA ASP A 131 21.09 -18.95 -23.13
C ASP A 131 21.50 -17.49 -23.34
N THR A 132 20.52 -16.60 -23.18
CA THR A 132 20.76 -15.17 -23.36
C THR A 132 21.99 -14.71 -22.59
N PRO A 133 22.88 -13.97 -23.27
CA PRO A 133 24.13 -13.46 -22.70
C PRO A 133 23.87 -12.46 -21.58
N THR A 135 24.53 -8.95 -19.96
CA THR A 135 24.84 -7.67 -20.60
C THR A 135 24.98 -6.55 -19.58
N ARG A 136 24.74 -6.86 -18.31
CA ARG A 136 24.72 -5.85 -17.26
C ARG A 136 24.55 -6.49 -15.89
N ASP A 137 24.87 -5.74 -14.84
CA ASP A 137 24.65 -6.19 -13.48
C ASP A 137 23.20 -6.00 -13.06
N ILE A 138 22.76 -6.81 -12.09
CA ILE A 138 21.40 -6.74 -11.57
C ILE A 138 21.41 -6.78 -10.05
N TYR A 139 20.56 -5.97 -9.42
CA TYR A 139 20.44 -5.96 -7.97
C TYR A 139 18.99 -6.12 -7.53
N LEU A 140 18.77 -6.87 -6.45
CA LEU A 140 17.49 -6.90 -5.79
C LEU A 140 17.45 -5.91 -4.64
N TYR A 141 16.39 -5.11 -4.59
CA TYR A 141 16.15 -4.21 -3.48
C TYR A 141 14.92 -4.65 -2.70
N PRO A 143 13.13 -3.64 0.81
CA PRO A 143 12.96 -2.87 2.04
C PRO A 143 12.02 -3.55 3.02
N ALA A 144 12.25 -3.34 4.31
CA ALA A 144 11.31 -3.79 5.33
C ALA A 144 9.88 -3.36 5.01
N ARG A 145 9.70 -2.07 4.77
CA ARG A 145 8.36 -1.49 4.67
C ARG A 145 7.49 -2.19 3.63
N SER A 147 6.80 -5.32 3.40
CA SER A 147 5.92 -6.27 4.09
C SER A 147 4.47 -5.77 4.11
N LEU A 148 4.29 -4.49 4.36
CA LEU A 148 2.94 -3.94 4.49
C LEU A 148 2.16 -4.00 3.20
N ILE A 149 2.85 -4.26 2.10
CA ILE A 149 2.21 -4.26 0.78
C ILE A 149 2.51 -5.54 0.01
N PHE A 150 3.29 -6.44 0.61
CA PHE A 150 3.79 -7.61 -0.09
C PHE A 150 2.65 -8.49 -0.61
N SER A 151 1.54 -8.50 0.11
CA SER A 151 0.36 -9.22 -0.34
C SER A 151 -0.02 -8.80 -1.76
N THR A 152 -0.03 -7.49 -1.99
CA THR A 152 -0.35 -6.95 -3.30
C THR A 152 0.77 -7.24 -4.29
N VAL A 153 2.01 -7.17 -3.82
CA VAL A 153 3.16 -7.46 -4.66
C VAL A 153 3.05 -8.87 -5.24
N ALA A 154 2.87 -9.86 -4.37
CA ALA A 154 2.86 -11.25 -4.78
C ALA A 154 1.67 -11.60 -5.66
N SER A 155 0.57 -10.87 -5.48
CA SER A 155 -0.63 -11.12 -6.27
C SER A 155 -0.35 -11.04 -7.76
N PHE A 156 0.67 -10.25 -8.13
CA PHE A 156 0.96 -10.01 -9.53
C PHE A 156 1.86 -11.10 -10.14
N SER A 157 2.38 -11.98 -9.29
CA SER A 157 3.14 -13.12 -9.77
C SER A 157 2.21 -14.25 -10.18
N PHE A 158 0.91 -14.05 -9.98
CA PHE A 158 -0.11 -14.96 -10.50
C PHE A 158 -0.72 -14.45 -11.81
N ILE A 159 -0.67 -15.27 -12.84
CA ILE A 159 -1.34 -14.95 -14.10
C ILE A 159 -2.86 -14.86 -13.91
N ASN A 160 -3.42 -13.71 -14.27
CA ASN A 160 -4.85 -13.50 -14.14
C ASN A 160 -5.37 -12.54 -15.22
N PRO A 169 -5.44 -18.74 -4.17
CA PRO A 169 -5.05 -17.64 -3.30
C PRO A 169 -3.78 -17.93 -2.51
N PHE A 170 -3.15 -16.88 -1.99
CA PHE A 170 -2.05 -17.02 -1.04
C PHE A 170 -2.44 -16.32 0.25
N THR A 171 -1.50 -16.23 1.20
CA THR A 171 -1.75 -15.52 2.44
C THR A 171 -0.50 -14.83 2.98
N PHE A 172 -0.56 -13.50 3.05
CA PHE A 172 0.48 -12.71 3.68
C PHE A 172 -0.16 -11.54 4.42
N SER A 173 -0.67 -11.81 5.62
CA SER A 173 -1.37 -10.80 6.40
C SER A 173 -0.49 -10.31 7.55
N THR A 174 -0.15 -9.03 7.53
CA THR A 174 0.59 -8.42 8.62
C THR A 174 -0.35 -7.64 9.53
N ALA A 175 0.04 -7.51 10.80
CA ALA A 175 -0.85 -6.92 11.80
C ALA A 175 -0.09 -6.46 13.05
N TYR A 176 -0.67 -5.48 13.73
CA TYR A 176 -0.17 -5.05 15.02
C TYR A 176 -1.19 -5.37 16.11
N PRO A 177 -0.73 -5.53 17.36
CA PRO A 177 -1.62 -5.81 18.48
C PRO A 177 -2.55 -4.65 18.78
N LEU A 178 -3.84 -4.93 18.91
CA LEU A 178 -4.81 -3.96 19.41
C LEU A 178 -4.87 -4.00 20.93
N ASP A 179 -4.99 -5.21 21.48
CA ASP A 179 -4.91 -5.44 22.92
C ASP A 179 -4.28 -6.79 23.19
N VAL A 180 -3.96 -7.06 24.46
CA VAL A 180 -3.38 -8.33 24.85
C VAL A 180 -4.13 -8.98 26.01
N ASN A 182 -6.06 -11.23 28.45
CA ASN A 182 -6.05 -12.68 28.63
C ASN A 182 -4.80 -13.32 28.07
N GLY A 183 -4.87 -14.62 27.79
CA GLY A 183 -3.76 -15.35 27.20
C GLY A 183 -3.76 -15.30 25.68
N GLU A 184 -4.36 -14.24 25.13
CA GLU A 184 -4.46 -14.08 23.69
C GLU A 184 -4.07 -12.67 23.23
N ILE A 185 -3.87 -12.51 21.92
CA ILE A 185 -3.49 -11.22 21.36
C ILE A 185 -4.47 -10.78 20.28
N TYR A 186 -5.11 -9.64 20.49
CA TYR A 186 -6.05 -9.08 19.52
C TYR A 186 -5.31 -8.41 18.37
N LEU A 187 -4.96 -9.20 17.35
CA LEU A 187 -4.23 -8.69 16.21
C LEU A 187 -5.09 -7.77 15.35
N SER A 188 -4.44 -6.87 14.62
CA SER A 188 -5.13 -5.82 13.88
C SER A 188 -5.85 -6.36 12.65
N ASN A 189 -5.47 -7.57 12.24
CA ASN A 189 -6.06 -8.19 11.06
C ASN A 189 -7.29 -9.05 11.42
N GLY A 190 -7.92 -8.75 12.54
CA GLY A 190 -9.11 -9.46 12.97
C GLY A 190 -8.80 -10.83 13.53
N VAL A 191 -7.51 -11.12 13.68
CA VAL A 191 -7.07 -12.42 14.17
C VAL A 191 -6.82 -12.38 15.67
N VAL A 192 -7.08 -13.50 16.34
CA VAL A 192 -6.75 -13.64 17.75
C VAL A 192 -5.69 -14.73 17.95
N LEU A 193 -4.49 -14.31 18.33
CA LEU A 193 -3.36 -15.22 18.46
C LEU A 193 -3.10 -15.59 19.91
N SER A 194 -2.72 -16.84 20.13
CA SER A 194 -2.32 -17.30 21.47
C SER A 194 -0.90 -16.83 21.79
N ASP A 195 -0.63 -16.64 23.08
CA ASP A 195 0.64 -16.08 23.52
C ASP A 195 1.79 -17.06 23.34
N ASP A 196 1.49 -18.35 23.26
CA ASP A 196 2.48 -19.37 22.94
C ASP A 196 2.70 -19.45 21.43
N PHE A 197 1.90 -18.71 20.68
CA PHE A 197 2.09 -18.60 19.23
C PHE A 197 1.89 -19.94 18.52
N ARG A 198 0.81 -20.64 18.87
CA ARG A 198 0.57 -21.97 18.34
C ARG A 198 -0.85 -22.16 17.82
N SER A 199 -1.65 -21.10 17.89
CA SER A 199 -3.01 -21.14 17.38
C SER A 199 -3.65 -19.77 17.23
N PHE A 200 -4.72 -19.72 16.44
CA PHE A 200 -5.54 -18.52 16.30
C PHE A 200 -6.93 -18.94 15.85
N ILE A 202 -9.62 -16.01 14.90
CA ILE A 202 -10.28 -14.92 14.21
C ILE A 202 -11.74 -14.81 14.64
N GLY A 203 -12.00 -15.08 15.92
CA GLY A 203 -13.35 -15.01 16.45
C GLY A 203 -14.15 -16.27 16.20
N ASP A 204 -13.46 -17.38 15.98
CA ASP A 204 -14.12 -18.65 15.71
C ASP A 204 -13.50 -19.79 16.51
N ASN A 205 -12.52 -20.47 15.92
CA ASN A 205 -11.99 -21.70 16.49
C ASN A 205 -10.51 -21.94 16.20
N VAL A 206 -9.91 -22.85 16.97
CA VAL A 206 -8.46 -22.99 16.99
C VAL A 206 -7.93 -23.67 15.74
N VAL A 207 -6.83 -23.15 15.21
CA VAL A 207 -6.13 -23.78 14.10
C VAL A 207 -4.62 -23.65 14.25
N SER A 208 -3.98 -24.75 14.61
CA SER A 208 -2.55 -24.74 14.90
C SER A 208 -1.75 -24.13 13.76
N VAL A 209 -0.85 -23.21 14.10
CA VAL A 209 0.10 -22.68 13.13
C VAL A 209 1.18 -23.72 12.83
N ASN A 210 1.68 -23.71 11.59
CA ASN A 210 2.69 -24.67 11.18
C ASN A 210 3.96 -24.59 12.03
N SER A 211 4.54 -23.40 12.11
CA SER A 211 5.70 -23.15 12.95
C SER A 211 5.68 -21.74 13.54
N ILE A 212 6.53 -21.50 14.52
CA ILE A 212 6.69 -20.16 15.09
C ILE A 212 8.03 -19.55 14.69
N VAL A 213 7.99 -18.29 14.29
CA VAL A 213 9.19 -17.60 13.80
C VAL A 213 9.25 -16.16 14.33
N GLU A 214 10.27 -15.88 15.13
CA GLU A 214 10.43 -14.55 15.71
C GLU A 214 11.74 -13.91 15.26
N ILE A 215 11.65 -12.66 14.81
CA ILE A 215 12.83 -11.94 14.30
C ILE A 215 13.41 -11.02 15.37
N ASN A 216 14.45 -11.51 16.05
CA ASN A 216 15.13 -10.73 17.07
C ASN A 216 15.98 -9.61 16.48
N SER A 217 16.63 -9.92 15.36
CA SER A 217 17.38 -8.91 14.60
C SER A 217 17.48 -9.30 13.14
N ILE A 218 17.06 -8.40 12.25
CA ILE A 218 17.14 -8.64 10.83
C ILE A 218 18.58 -8.50 10.33
N GLN A 220 21.14 -8.71 11.71
CA GLN A 220 21.73 -9.95 12.19
C GLN A 220 20.84 -11.13 11.82
N GLY A 221 21.42 -12.33 11.83
CA GLY A 221 20.66 -13.55 11.61
C GLY A 221 19.95 -14.02 12.86
N GLU A 222 19.37 -13.07 13.60
CA GLU A 222 18.75 -13.38 14.89
C GLU A 222 17.30 -13.81 14.72
N TYR A 223 17.09 -15.12 14.65
CA TYR A 223 15.75 -15.69 14.57
C TYR A 223 15.76 -17.16 14.96
N ILE A 225 13.01 -20.88 14.39
CA ILE A 225 11.73 -21.49 14.03
C ILE A 225 11.47 -22.74 14.87
N THR A 226 10.26 -22.84 15.41
CA THR A 226 9.88 -24.00 16.20
C THR A 226 8.78 -24.80 15.51
N PRO A 227 9.14 -25.96 14.95
CA PRO A 227 8.18 -26.86 14.29
C PRO A 227 7.05 -27.25 15.23
N ILE A 228 5.81 -27.05 14.80
CA ILE A 228 4.66 -27.27 15.65
C ILE A 228 3.45 -27.78 14.85
N ASP A 229 3.56 -29.01 14.37
CA ASP A 229 2.49 -29.62 13.58
C ASP A 229 2.69 -29.37 12.09
N ASP A 230 2.85 -30.45 11.34
CA ASP A 230 3.21 -30.36 9.92
C ASP A 230 1.99 -30.05 9.05
N ALA A 232 -0.29 -28.37 9.33
CA ALA A 232 -0.76 -27.00 9.49
C ALA A 232 -0.20 -26.09 8.41
N GLN A 233 -1.00 -25.11 7.98
CA GLN A 233 -0.64 -24.28 6.84
C GLN A 233 0.06 -22.98 7.25
N PHE A 234 -0.71 -22.08 7.85
CA PHE A 234 -0.20 -20.73 8.15
C PHE A 234 1.03 -20.78 9.06
N TYR A 235 2.06 -20.04 8.68
CA TYR A 235 3.16 -19.73 9.59
C TYR A 235 2.84 -18.47 10.39
N ILE A 236 3.56 -18.27 11.49
CA ILE A 236 3.40 -17.07 12.29
C ILE A 236 4.73 -16.38 12.52
N PHE A 237 4.78 -15.07 12.26
CA PHE A 237 6.01 -14.31 12.38
C PHE A 237 5.87 -13.26 13.49
N TYR A 238 6.85 -13.22 14.38
CA TYR A 238 6.89 -12.19 15.42
C TYR A 238 8.07 -11.25 15.21
N LEU A 239 7.77 -9.99 14.92
CA LEU A 239 8.80 -8.99 14.63
C LEU A 239 9.16 -8.19 15.88
N ASP A 241 11.21 -6.44 16.97
CA ASP A 241 11.80 -5.13 16.88
C ASP A 241 11.44 -4.40 15.59
N SER A 242 10.22 -4.63 15.10
CA SER A 242 9.73 -3.92 13.92
C SER A 242 9.89 -2.42 14.07
N ALA A 243 10.80 -1.84 13.29
CA ALA A 243 10.88 -0.39 13.15
C ALA A 243 9.78 0.12 12.22
N ILE A 244 8.91 -0.78 11.80
CA ILE A 244 7.81 -0.45 10.90
C ILE A 244 6.48 -0.45 11.63
N PRO A 245 5.86 0.73 11.77
CA PRO A 245 4.56 0.86 12.44
C PRO A 245 3.46 0.12 11.70
N TYR A 246 2.83 -0.83 12.39
CA TYR A 246 1.71 -1.58 11.83
C TYR A 246 2.14 -2.97 11.37
N ALA A 247 3.44 -3.25 11.48
CA ALA A 247 3.98 -4.53 11.07
C ALA A 247 4.74 -5.19 12.21
N GLN A 248 4.01 -5.72 13.18
CA GLN A 248 4.61 -6.43 14.30
C GLN A 248 4.52 -7.94 14.11
N PHE A 249 3.50 -8.37 13.38
CA PHE A 249 3.28 -9.80 13.15
C PHE A 249 2.98 -10.07 11.68
N ILE A 250 3.29 -11.30 11.23
CA ILE A 250 2.96 -11.71 9.88
C ILE A 250 2.42 -13.14 9.85
N LEU A 251 1.20 -13.30 9.33
CA LEU A 251 0.63 -14.61 9.12
C LEU A 251 0.65 -14.98 7.63
N ASP A 253 1.23 -18.31 4.45
CA ASP A 253 1.17 -19.72 4.09
C ASP A 253 2.54 -20.23 3.65
N THR A 255 3.71 -21.01 0.91
CA THR A 255 4.21 -20.42 -0.33
C THR A 255 4.96 -19.13 -0.05
N PHE A 257 6.12 -18.22 2.69
CA PHE A 257 7.29 -18.62 3.46
C PHE A 257 8.45 -18.98 2.55
N ASN A 258 8.13 -19.43 1.35
CA ASN A 258 9.15 -19.86 0.39
C ASN A 258 9.73 -18.69 -0.40
N SER A 259 8.95 -17.63 -0.54
CA SER A 259 9.34 -16.49 -1.37
C SER A 259 10.79 -16.10 -1.12
N ALA A 260 11.41 -15.49 -2.13
CA ALA A 260 12.76 -14.96 -1.99
C ALA A 260 12.80 -13.80 -1.00
N TYR A 261 11.68 -13.09 -0.90
CA TYR A 261 11.60 -11.93 -0.02
C TYR A 261 11.70 -12.33 1.45
N VAL A 262 10.76 -13.15 1.89
CA VAL A 262 10.77 -13.67 3.26
C VAL A 262 12.10 -14.38 3.55
N GLN A 263 12.41 -15.39 2.75
CA GLN A 263 13.58 -16.22 2.99
C GLN A 263 14.86 -15.39 3.01
N PHE A 265 15.26 -11.66 2.86
CA PHE A 265 15.28 -10.49 3.72
C PHE A 265 15.11 -10.86 5.18
N PHE A 266 13.94 -11.38 5.53
CA PHE A 266 13.62 -11.68 6.92
C PHE A 266 14.52 -12.75 7.51
N LEU A 267 14.60 -13.91 6.84
CA LEU A 267 15.37 -15.03 7.35
C LEU A 267 16.84 -14.93 6.94
N GLY A 268 17.16 -13.93 6.14
CA GLY A 268 18.51 -13.76 5.64
C GLY A 268 19.14 -15.06 5.15
N ASN A 269 18.30 -15.99 4.71
CA ASN A 269 18.77 -17.23 4.10
C ASN A 269 18.80 -17.13 2.58
N TYR A 270 20.00 -17.21 2.01
CA TYR A 270 20.16 -17.10 0.57
C TYR A 270 21.32 -17.93 0.05
N ASP A 271 21.21 -18.36 -1.20
CA ASP A 271 22.27 -19.11 -1.87
C ASP A 271 23.35 -18.15 -2.35
N ASN A 273 25.60 -18.82 -4.30
CA ASN A 273 25.84 -19.10 -5.71
C ASN A 273 24.78 -18.46 -6.59
N LEU A 274 23.85 -17.76 -5.95
CA LEU A 274 22.80 -17.06 -6.66
C LEU A 274 22.84 -15.56 -6.37
N PHE A 275 23.23 -15.21 -5.15
CA PHE A 275 23.15 -13.82 -4.70
C PHE A 275 24.33 -13.41 -3.83
N ASP A 276 24.70 -12.13 -3.92
CA ASP A 276 25.71 -11.54 -3.07
C ASP A 276 25.08 -10.40 -2.28
N LEU A 277 25.29 -10.39 -0.97
CA LEU A 277 24.74 -9.34 -0.12
C LEU A 277 25.67 -8.12 -0.12
N VAL A 278 25.29 -7.09 -0.87
CA VAL A 278 26.14 -5.93 -1.05
C VAL A 278 25.71 -4.75 -0.19
N ILE A 279 24.53 -4.88 0.43
CA ILE A 279 24.06 -3.85 1.35
C ILE A 279 23.13 -4.46 2.40
N ASN A 280 23.60 -4.53 3.64
CA ASN A 280 22.75 -4.98 4.74
C ASN A 280 22.30 -3.82 5.61
N SER A 281 21.01 -3.78 5.91
CA SER A 281 20.46 -2.71 6.73
C SER A 281 19.24 -3.18 7.51
N ARG A 282 18.92 -2.48 8.59
CA ARG A 282 17.68 -2.72 9.32
C ARG A 282 16.47 -2.45 8.43
N ASP A 283 16.64 -1.50 7.51
CA ASP A 283 15.49 -0.95 6.79
C ASP A 283 15.36 -1.52 5.38
N ALA A 284 16.44 -2.15 4.89
CA ALA A 284 16.45 -2.65 3.53
C ALA A 284 17.68 -3.51 3.24
N VAL A 286 20.05 -5.18 -0.18
CA VAL A 286 20.32 -5.20 -1.61
C VAL A 286 21.19 -6.39 -1.98
N PHE A 287 20.73 -7.19 -2.93
CA PHE A 287 21.47 -8.36 -3.39
C PHE A 287 21.92 -8.20 -4.84
N LEU A 289 22.51 -10.17 -8.10
CA LEU A 289 22.42 -11.36 -8.93
C LEU A 289 23.81 -11.73 -9.42
N ILE A 291 24.32 -14.14 -11.66
CA ILE A 291 24.04 -15.02 -12.80
C ILE A 291 23.40 -14.24 -13.95
N ASN B 14 -3.52 9.00 19.60
CA ASN B 14 -3.62 7.91 18.59
C ASN B 14 -5.05 7.72 18.08
N GLU B 15 -5.25 6.72 17.22
CA GLU B 15 -6.58 6.35 16.77
C GLU B 15 -7.27 5.45 17.80
N ALA B 16 -6.47 4.67 18.51
CA ALA B 16 -6.99 3.80 19.55
C ALA B 16 -7.85 4.59 20.54
N SER B 17 -7.23 5.55 21.22
CA SER B 17 -7.95 6.41 22.16
C SER B 17 -9.04 7.20 21.45
N LEU B 18 -8.72 7.69 20.26
CA LEU B 18 -9.65 8.50 19.48
C LEU B 18 -10.93 7.72 19.17
N LEU B 19 -10.79 6.42 18.98
CA LEU B 19 -11.93 5.56 18.63
C LEU B 19 -12.68 5.09 19.87
N ASN B 20 -12.20 5.51 21.04
CA ASN B 20 -12.93 5.29 22.28
C ASN B 20 -13.96 6.38 22.52
N GLN B 21 -13.53 7.63 22.34
CA GLN B 21 -14.45 8.76 22.39
C GLN B 21 -15.65 8.53 21.48
N LEU B 22 -15.38 7.92 20.31
CA LEU B 22 -16.44 7.58 19.37
C LEU B 22 -17.32 6.47 19.92
N ASN B 24 -18.40 6.13 22.52
CA ASN B 24 -19.42 6.76 23.35
C ASN B 24 -20.43 7.55 22.51
N ILE B 25 -19.96 8.63 21.90
CA ILE B 25 -20.83 9.53 21.14
C ILE B 25 -21.75 8.74 20.20
N ALA B 26 -21.36 7.51 19.87
CA ALA B 26 -22.15 6.66 19.01
C ALA B 26 -22.66 5.43 19.77
N ASN B 27 -23.62 4.73 19.18
CA ASN B 27 -24.20 3.55 19.81
C ASN B 27 -24.00 2.28 18.98
N ARG B 28 -24.20 1.13 19.61
CA ARG B 28 -23.91 -0.15 18.97
C ARG B 28 -24.76 -0.38 17.73
N GLU B 29 -25.78 0.45 17.55
CA GLU B 29 -26.65 0.36 16.38
C GLU B 29 -26.28 1.41 15.35
N ASP B 30 -25.08 1.98 15.49
CA ASP B 30 -24.65 3.08 14.64
C ASP B 30 -23.56 2.67 13.66
N TYR B 31 -23.59 3.25 12.47
CA TYR B 31 -22.62 2.92 11.42
C TYR B 31 -21.51 3.95 11.36
N VAL B 32 -20.30 3.49 11.05
CA VAL B 32 -19.19 4.38 10.78
C VAL B 32 -18.54 4.04 9.43
N VAL B 33 -19.16 4.50 8.35
CA VAL B 33 -18.71 4.16 7.01
C VAL B 33 -17.27 4.60 6.77
N THR B 34 -16.44 3.65 6.35
CA THR B 34 -15.03 3.93 6.05
C THR B 34 -14.35 2.71 5.46
N TRP B 35 -13.15 2.92 4.93
CA TRP B 35 -12.42 1.88 4.20
C TRP B 35 -12.27 0.60 5.03
N TRP B 36 -12.08 -0.51 4.34
CA TRP B 36 -12.04 -1.82 4.99
C TRP B 36 -10.79 -1.99 5.84
N ASP B 37 -9.68 -1.41 5.39
CA ASP B 37 -8.45 -1.38 6.15
C ASP B 37 -8.70 -0.81 7.55
N TYR B 38 -9.77 -0.04 7.68
CA TYR B 38 -10.11 0.61 8.94
C TYR B 38 -11.28 -0.07 9.63
N GLY B 39 -11.92 -1.00 8.93
CA GLY B 39 -13.09 -1.68 9.46
C GLY B 39 -12.84 -2.31 10.82
N TYR B 40 -11.97 -3.31 10.85
CA TYR B 40 -11.82 -4.18 12.02
C TYR B 40 -11.49 -3.38 13.28
N PRO B 41 -10.69 -2.31 13.13
CA PRO B 41 -10.30 -1.47 14.26
C PRO B 41 -11.44 -0.56 14.73
N VAL B 42 -12.04 0.17 13.80
CA VAL B 42 -13.23 0.96 14.10
C VAL B 42 -14.34 0.04 14.61
N ARG B 43 -14.37 -1.17 14.09
CA ARG B 43 -15.32 -2.18 14.55
C ARG B 43 -14.78 -2.89 15.78
N TYR B 44 -14.38 -2.11 16.78
CA TYR B 44 -13.68 -2.65 17.94
C TYR B 44 -13.53 -1.57 19.01
N TYR B 45 -12.55 -0.68 18.83
CA TYR B 45 -12.40 0.46 19.71
C TYR B 45 -13.69 1.27 19.79
N SER B 46 -14.41 1.32 18.67
CA SER B 46 -15.72 1.97 18.63
C SER B 46 -16.84 0.93 18.66
N ASP B 47 -16.50 -0.32 18.35
CA ASP B 47 -17.46 -1.40 18.31
C ASP B 47 -18.83 -0.94 17.83
N VAL B 48 -18.85 -0.28 16.67
CA VAL B 48 -20.10 0.03 15.99
C VAL B 48 -20.34 -0.95 14.84
N THR B 50 -20.12 -1.73 10.83
CA THR B 50 -19.36 -1.33 9.65
C THR B 50 -19.98 -1.88 8.38
N LEU B 51 -19.37 -1.58 7.24
CA LEU B 51 -19.80 -2.14 5.97
C LEU B 51 -18.74 -3.10 5.43
N VAL B 52 -17.50 -2.88 5.82
CA VAL B 52 -16.37 -3.64 5.31
C VAL B 52 -15.34 -3.92 6.40
N ASP B 53 -14.90 -5.17 6.50
CA ASP B 53 -13.91 -5.56 7.48
C ASP B 53 -12.62 -6.04 6.79
N GLY B 54 -11.63 -6.41 7.59
CA GLY B 54 -10.43 -7.04 7.07
C GLY B 54 -10.75 -8.30 6.28
N GLY B 55 -11.60 -9.15 6.85
CA GLY B 55 -12.10 -10.32 6.15
C GLY B 55 -13.46 -10.08 5.52
N HIS B 57 -14.22 -7.45 2.06
CA HIS B 57 -14.06 -6.30 1.19
C HIS B 57 -13.96 -6.70 -0.28
N LEU B 58 -15.11 -7.02 -0.88
CA LEU B 58 -15.18 -7.27 -2.31
C LEU B 58 -15.59 -6.02 -3.07
N GLY B 59 -15.52 -6.07 -4.39
CA GLY B 59 -15.74 -4.90 -5.23
C GLY B 59 -16.85 -4.00 -4.71
N ASP B 61 -18.97 -4.57 -2.50
CA ASP B 61 -18.81 -4.49 -1.06
C ASP B 61 -18.09 -3.19 -0.71
N ASN B 62 -17.15 -2.81 -1.57
CA ASN B 62 -16.32 -1.62 -1.34
C ASN B 62 -16.92 -0.38 -1.97
N PHE B 63 -17.59 -0.55 -3.10
CA PHE B 63 -18.14 0.56 -3.86
C PHE B 63 -18.79 1.59 -2.93
N PHE B 64 -19.33 1.12 -1.81
CA PHE B 64 -20.24 1.92 -1.00
C PHE B 64 -19.50 2.89 -0.09
N PRO B 65 -18.47 2.41 0.62
CA PRO B 65 -17.57 3.31 1.32
C PRO B 65 -16.97 4.31 0.35
N SER B 66 -16.30 3.81 -0.69
CA SER B 66 -15.69 4.65 -1.71
C SER B 66 -16.60 5.82 -2.07
N PHE B 67 -17.77 5.53 -2.62
CA PHE B 67 -18.67 6.57 -3.11
C PHE B 67 -18.82 7.70 -2.10
N ALA B 68 -19.11 7.34 -0.85
CA ALA B 68 -19.36 8.33 0.19
C ALA B 68 -18.11 9.15 0.48
N LEU B 69 -16.94 8.58 0.18
CA LEU B 69 -15.67 9.25 0.45
C LEU B 69 -15.14 9.97 -0.79
N SER B 70 -15.48 9.45 -1.97
CA SER B 70 -14.88 9.92 -3.21
C SER B 70 -15.70 11.04 -3.85
N ASP B 72 -18.87 13.96 -4.38
CA ASP B 72 -18.97 15.29 -3.81
C ASP B 72 -19.66 15.29 -2.45
N GLU B 73 -19.85 16.48 -1.88
CA GLU B 73 -20.41 16.62 -0.55
C GLU B 73 -21.75 15.90 -0.44
N GLN B 74 -22.71 16.34 -1.24
CA GLN B 74 -24.08 15.83 -1.15
C GLN B 74 -24.14 14.31 -1.19
N ALA B 75 -23.77 13.73 -2.33
CA ALA B 75 -23.92 12.31 -2.56
C ALA B 75 -23.20 11.49 -1.49
N ALA B 76 -22.31 12.14 -0.74
CA ALA B 76 -21.60 11.47 0.34
C ALA B 76 -22.55 10.95 1.39
N ALA B 77 -23.63 11.69 1.63
CA ALA B 77 -24.61 11.33 2.65
C ALA B 77 -25.81 10.61 2.04
N ASN B 78 -26.27 11.09 0.89
CA ASN B 78 -27.41 10.51 0.21
C ASN B 78 -27.23 9.01 -0.03
N ALA B 80 -24.94 7.43 1.73
CA ALA B 80 -24.52 6.95 3.04
C ALA B 80 -25.65 6.23 3.75
N ARG B 81 -26.88 6.73 3.56
CA ARG B 81 -28.06 6.08 4.11
C ARG B 81 -28.53 4.94 3.22
N LEU B 82 -28.76 5.24 1.94
CA LEU B 82 -29.11 4.22 0.96
C LEU B 82 -28.17 3.02 1.07
N SER B 83 -27.08 3.18 1.82
CA SER B 83 -26.12 2.11 2.03
C SER B 83 -26.25 1.56 3.45
N VAL B 84 -26.12 2.44 4.44
CA VAL B 84 -26.31 2.07 5.83
C VAL B 84 -27.60 1.29 6.02
N GLU B 85 -28.71 1.84 5.51
CA GLU B 85 -30.02 1.21 5.65
C GLU B 85 -30.04 -0.15 4.96
N TYR B 86 -30.01 -0.14 3.63
CA TYR B 86 -30.17 -1.36 2.85
C TYR B 86 -29.22 -2.46 3.31
N THR B 87 -28.14 -2.07 3.98
CA THR B 87 -27.19 -3.02 4.52
C THR B 87 -27.83 -3.90 5.59
N GLU B 88 -28.44 -3.26 6.58
CA GLU B 88 -29.17 -3.97 7.63
C GLU B 88 -30.25 -4.86 7.03
N SER B 90 -30.29 -6.94 5.21
CA SER B 90 -29.49 -8.00 4.61
C SER B 90 -28.68 -8.74 5.68
N PHE B 119 -27.46 5.61 -12.46
CA PHE B 119 -28.53 6.48 -11.97
C PHE B 119 -28.15 7.16 -10.66
N LEU B 120 -26.85 7.36 -10.46
CA LEU B 120 -26.34 7.87 -9.19
C LEU B 120 -26.14 9.38 -9.23
N ALA B 121 -26.29 9.96 -10.41
CA ALA B 121 -26.17 11.40 -10.58
C ALA B 121 -27.36 12.12 -9.94
N SER B 122 -28.30 11.36 -9.42
CA SER B 122 -29.51 11.91 -8.83
C SER B 122 -29.27 12.40 -7.41
N LEU B 123 -28.30 11.77 -6.73
CA LEU B 123 -28.00 12.11 -5.34
C LEU B 123 -27.16 13.38 -5.25
N SER B 124 -26.78 13.93 -6.40
CA SER B 124 -25.86 15.06 -6.45
C SER B 124 -26.58 16.38 -6.66
N PRO B 126 -29.54 19.08 -5.32
CA PRO B 126 -30.33 19.53 -4.17
C PRO B 126 -31.84 19.47 -4.44
N ASP B 127 -32.27 18.49 -5.21
CA ASP B 127 -33.70 18.25 -5.42
C ASP B 127 -34.11 16.88 -4.88
N PHE B 128 -33.15 16.16 -4.32
CA PHE B 128 -33.41 14.83 -3.79
C PHE B 128 -33.33 14.81 -2.27
N ILE B 130 -34.32 12.80 -0.55
CA ILE B 130 -33.97 11.42 -0.22
C ILE B 130 -34.61 11.01 1.10
N ASP B 131 -35.55 10.07 1.03
CA ASP B 131 -36.24 9.60 2.23
C ASP B 131 -35.96 8.13 2.50
N THR B 132 -36.66 7.57 3.49
CA THR B 132 -36.32 6.27 4.06
C THR B 132 -36.34 6.35 5.58
N PRO B 133 -36.40 5.18 6.24
CA PRO B 133 -36.52 5.14 7.70
C PRO B 133 -35.16 5.29 8.38
N THR B 135 -32.93 4.57 10.97
CA THR B 135 -32.91 3.47 11.92
C THR B 135 -31.63 3.46 12.73
N ARG B 136 -30.64 4.23 12.28
CA ARG B 136 -29.30 4.18 12.87
C ARG B 136 -28.60 5.53 12.81
N ASP B 137 -27.59 5.70 13.66
CA ASP B 137 -26.79 6.92 13.68
C ASP B 137 -25.48 6.72 12.92
N ILE B 138 -25.34 7.39 11.78
CA ILE B 138 -24.25 7.11 10.87
C ILE B 138 -23.03 8.00 11.13
N TYR B 139 -21.84 7.45 10.95
CA TYR B 139 -20.60 8.19 11.18
C TYR B 139 -19.62 8.03 10.01
N LEU B 140 -18.79 9.04 9.80
CA LEU B 140 -17.91 9.06 8.64
C LEU B 140 -16.45 9.23 9.07
N TYR B 141 -15.77 8.11 9.29
CA TYR B 141 -14.40 8.12 9.79
C TYR B 141 -13.41 8.45 8.68
N PRO B 143 -9.39 9.19 8.43
CA PRO B 143 -8.04 9.30 8.94
C PRO B 143 -7.10 9.98 7.94
N ALA B 144 -5.99 10.51 8.43
CA ALA B 144 -5.03 11.20 7.57
C ALA B 144 -4.30 10.20 6.68
N ARG B 145 -3.91 9.07 7.24
CA ARG B 145 -3.05 8.12 6.54
C ARG B 145 -3.77 7.45 5.37
N SER B 147 -4.61 9.02 2.81
CA SER B 147 -4.17 9.74 1.63
C SER B 147 -3.21 8.86 0.82
N LEU B 148 -2.62 7.87 1.48
CA LEU B 148 -1.62 7.04 0.84
C LEU B 148 -2.26 5.93 0.00
N ILE B 149 -3.60 5.88 0.03
CA ILE B 149 -4.33 4.84 -0.68
C ILE B 149 -5.64 5.36 -1.27
N PHE B 150 -5.91 6.64 -1.05
CA PHE B 150 -7.18 7.23 -1.43
C PHE B 150 -7.47 7.07 -2.92
N SER B 151 -6.41 6.86 -3.71
CA SER B 151 -6.54 6.76 -5.17
C SER B 151 -7.33 5.52 -5.56
N THR B 152 -6.97 4.39 -4.96
CA THR B 152 -7.73 3.16 -5.14
C THR B 152 -9.08 3.24 -4.43
N VAL B 153 -9.06 3.76 -3.21
CA VAL B 153 -10.30 3.98 -2.47
C VAL B 153 -11.30 4.76 -3.30
N ALA B 154 -10.82 5.37 -4.38
CA ALA B 154 -11.69 6.13 -5.28
C ALA B 154 -11.87 5.41 -6.60
N SER B 155 -10.99 4.45 -6.88
CA SER B 155 -11.10 3.63 -8.09
C SER B 155 -12.32 2.72 -7.99
N PHE B 156 -13.20 3.03 -7.04
CA PHE B 156 -14.41 2.24 -6.84
C PHE B 156 -15.65 3.09 -7.07
N SER B 157 -15.72 4.23 -6.38
CA SER B 157 -16.78 5.20 -6.63
C SER B 157 -16.99 5.39 -8.12
N PHE B 158 -15.89 5.66 -8.84
CA PHE B 158 -15.93 5.80 -10.29
C PHE B 158 -16.62 4.60 -10.93
N PRO B 169 -9.81 9.87 -15.70
CA PRO B 169 -10.26 11.24 -15.49
C PRO B 169 -10.27 11.62 -14.02
N PHE B 170 -9.47 10.92 -13.22
CA PHE B 170 -9.31 11.23 -11.81
C PHE B 170 -7.90 10.93 -11.32
N THR B 171 -7.25 11.93 -10.74
CA THR B 171 -5.87 11.79 -10.28
C THR B 171 -5.69 12.26 -8.84
N PHE B 172 -5.06 11.41 -8.03
CA PHE B 172 -4.78 11.73 -6.63
C PHE B 172 -3.43 11.14 -6.24
N SER B 173 -2.37 11.93 -6.43
CA SER B 173 -1.02 11.43 -6.25
C SER B 173 -0.34 12.12 -5.08
N THR B 174 -0.05 11.33 -4.03
CA THR B 174 0.69 11.83 -2.89
C THR B 174 2.14 11.39 -2.97
N ALA B 175 3.05 12.34 -2.72
CA ALA B 175 4.47 12.07 -2.81
C ALA B 175 5.21 12.82 -1.71
N TYR B 176 6.47 12.44 -1.48
CA TYR B 176 7.37 13.20 -0.63
C TYR B 176 8.56 13.63 -1.47
N PRO B 177 9.28 14.68 -1.03
CA PRO B 177 10.48 15.11 -1.75
C PRO B 177 11.60 14.09 -1.62
N LEU B 178 12.16 13.67 -2.76
CA LEU B 178 13.36 12.85 -2.76
C LEU B 178 14.59 13.72 -2.55
N ASP B 179 14.48 14.97 -2.98
CA ASP B 179 15.60 15.89 -2.99
C ASP B 179 15.14 17.25 -3.51
N VAL B 180 15.90 18.29 -3.23
CA VAL B 180 15.59 19.62 -3.72
C VAL B 180 16.85 20.32 -4.23
N ASN B 182 18.22 22.56 -8.00
CA ASN B 182 18.36 23.89 -8.60
C ASN B 182 17.01 24.60 -8.75
N GLY B 183 16.39 24.89 -7.62
CA GLY B 183 15.07 25.53 -7.60
C GLY B 183 13.93 24.58 -7.88
N GLU B 184 14.22 23.29 -7.89
CA GLU B 184 13.23 22.28 -8.26
C GLU B 184 12.99 21.29 -7.13
N ILE B 185 11.80 20.73 -7.08
CA ILE B 185 11.48 19.70 -6.10
C ILE B 185 11.22 18.36 -6.77
N TYR B 186 12.01 17.35 -6.41
CA TYR B 186 11.93 16.06 -7.07
C TYR B 186 11.12 15.07 -6.25
N LEU B 187 9.82 15.01 -6.53
CA LEU B 187 8.90 14.23 -5.73
C LEU B 187 9.02 12.73 -6.00
N SER B 188 8.57 11.92 -5.04
CA SER B 188 8.70 10.48 -5.13
C SER B 188 7.81 9.90 -6.22
N ASN B 189 6.93 10.72 -6.78
CA ASN B 189 6.06 10.28 -7.86
C ASN B 189 6.57 10.73 -9.23
N GLY B 190 7.88 10.95 -9.31
CA GLY B 190 8.53 11.28 -10.58
C GLY B 190 8.09 12.64 -11.11
N VAL B 191 7.47 13.43 -10.25
CA VAL B 191 7.07 14.78 -10.61
C VAL B 191 8.14 15.78 -10.15
N VAL B 192 8.49 16.70 -11.03
CA VAL B 192 9.40 17.78 -10.67
C VAL B 192 8.63 19.07 -10.40
N LEU B 193 8.53 19.43 -9.13
CA LEU B 193 7.70 20.56 -8.71
C LEU B 193 8.58 21.78 -8.44
N SER B 194 8.14 22.94 -8.94
CA SER B 194 8.93 24.15 -8.85
C SER B 194 9.09 24.64 -7.41
N ASP B 195 10.20 25.33 -7.16
CA ASP B 195 10.44 25.98 -5.88
C ASP B 195 9.16 26.60 -5.31
N ASP B 196 8.35 27.16 -6.20
CA ASP B 196 7.26 28.05 -5.81
C ASP B 196 5.91 27.34 -5.89
N PHE B 197 5.95 26.02 -6.05
CA PHE B 197 4.74 25.21 -6.14
C PHE B 197 3.83 25.65 -7.29
N ARG B 198 4.34 26.54 -8.14
CA ARG B 198 3.52 27.20 -9.15
C ARG B 198 3.37 26.37 -10.42
N SER B 199 4.22 25.36 -10.57
CA SER B 199 4.24 24.54 -11.77
C SER B 199 4.99 23.24 -11.53
N PHE B 200 4.83 22.29 -12.44
CA PHE B 200 5.55 21.02 -12.36
C PHE B 200 5.82 20.45 -13.74
N ILE B 202 6.62 17.36 -16.24
CA ILE B 202 6.34 15.93 -16.32
C ILE B 202 6.48 15.44 -17.76
N GLY B 203 6.11 16.31 -18.70
CA GLY B 203 6.21 15.97 -20.12
C GLY B 203 7.37 16.68 -20.81
N VAL B 206 6.61 20.77 -19.35
CA VAL B 206 6.19 21.66 -18.27
C VAL B 206 4.68 21.79 -18.21
N VAL B 207 4.16 22.00 -17.01
CA VAL B 207 2.72 22.14 -16.80
C VAL B 207 2.44 23.06 -15.63
N SER B 208 1.67 24.12 -15.88
CA SER B 208 1.23 25.01 -14.82
C SER B 208 0.19 24.32 -13.94
N VAL B 209 0.18 24.69 -12.66
CA VAL B 209 -0.81 24.16 -11.73
C VAL B 209 -2.08 25.00 -11.74
N ASN B 210 -3.13 24.50 -11.11
CA ASN B 210 -4.36 25.25 -10.97
C ASN B 210 -4.31 26.19 -9.78
N SER B 211 -4.06 25.63 -8.59
CA SER B 211 -4.03 26.42 -7.36
C SER B 211 -3.16 25.73 -6.30
N ILE B 212 -2.34 26.52 -5.62
CA ILE B 212 -1.57 26.01 -4.49
C ILE B 212 -2.43 25.95 -3.24
N VAL B 213 -2.35 24.81 -2.54
CA VAL B 213 -3.15 24.61 -1.34
C VAL B 213 -2.27 24.26 -0.14
N GLU B 214 -1.83 25.28 0.58
CA GLU B 214 -1.03 25.07 1.79
C GLU B 214 -1.92 24.75 2.98
N ILE B 215 -1.87 23.51 3.43
CA ILE B 215 -2.54 23.10 4.66
C ILE B 215 -1.70 23.49 5.87
N ASN B 216 -2.16 24.49 6.61
CA ASN B 216 -1.45 24.98 7.79
C ASN B 216 -1.78 24.15 9.03
N SER B 217 -3.06 23.88 9.22
CA SER B 217 -3.52 23.08 10.36
C SER B 217 -4.76 22.26 10.00
N ILE B 218 -4.84 21.05 10.56
CA ILE B 218 -5.99 20.19 10.34
C ILE B 218 -6.89 20.14 11.58
N GLN B 220 -7.23 22.33 13.49
CA GLN B 220 -7.86 23.65 13.50
C GLN B 220 -8.81 23.80 12.33
N GLY B 221 -8.25 23.80 11.11
CA GLY B 221 -9.05 23.87 9.90
C GLY B 221 -8.70 25.06 9.03
N GLU B 222 -7.43 25.46 9.07
CA GLU B 222 -6.97 26.64 8.34
C GLU B 222 -5.99 26.29 7.23
N TYR B 223 -6.07 27.03 6.13
CA TYR B 223 -5.17 26.83 4.99
C TYR B 223 -5.13 28.10 4.16
N ILE B 225 -5.53 28.52 0.07
CA ILE B 225 -5.66 28.39 -1.38
C ILE B 225 -5.16 29.64 -2.08
N THR B 226 -4.62 29.47 -3.28
CA THR B 226 -4.02 30.57 -4.03
C THR B 226 -3.91 30.25 -5.51
N PRO B 227 -4.89 30.72 -6.30
CA PRO B 227 -5.04 30.39 -7.72
C PRO B 227 -3.76 30.67 -8.51
N ILE B 228 -3.71 30.15 -9.73
CA ILE B 228 -2.57 30.39 -10.62
C ILE B 228 -2.99 30.39 -12.08
N ASP B 229 -3.84 29.43 -12.45
CA ASP B 229 -4.32 29.33 -13.82
C ASP B 229 -5.70 28.67 -13.86
N ASP B 230 -6.72 29.46 -14.21
CA ASP B 230 -8.10 28.98 -14.19
C ASP B 230 -8.27 27.72 -15.05
N ALA B 232 -6.16 25.52 -15.64
CA ALA B 232 -5.29 24.44 -15.17
C ALA B 232 -6.11 23.34 -14.50
N GLN B 233 -5.77 22.09 -14.79
CA GLN B 233 -6.59 20.96 -14.39
C GLN B 233 -6.23 20.44 -12.99
N PHE B 234 -4.96 20.59 -12.62
CA PHE B 234 -4.44 19.93 -11.42
C PHE B 234 -4.22 20.90 -10.26
N TYR B 235 -4.69 20.52 -9.08
CA TYR B 235 -4.37 21.22 -7.85
C TYR B 235 -3.14 20.62 -7.19
N ILE B 236 -2.31 21.47 -6.59
CA ILE B 236 -1.13 21.01 -5.87
C ILE B 236 -1.22 21.34 -4.40
N PHE B 237 -1.49 20.33 -3.57
CA PHE B 237 -1.54 20.51 -2.14
C PHE B 237 -0.14 20.41 -1.53
N TYR B 238 0.21 21.38 -0.69
CA TYR B 238 1.33 21.22 0.22
C TYR B 238 0.84 20.99 1.64
N LEU B 239 1.13 19.82 2.19
CA LEU B 239 0.70 19.48 3.53
C LEU B 239 1.64 20.07 4.57
N ASP B 241 1.26 21.04 7.42
CA ASP B 241 1.09 20.28 8.66
C ASP B 241 0.85 18.80 8.38
N SER B 242 1.85 17.97 8.68
CA SER B 242 1.76 16.54 8.40
C SER B 242 2.54 15.71 9.41
N ALA B 243 1.82 14.91 10.18
CA ALA B 243 2.45 13.90 11.03
C ALA B 243 2.70 12.61 10.26
N ILE B 244 2.09 12.52 9.07
CA ILE B 244 2.19 11.31 8.26
C ILE B 244 3.29 11.44 7.20
N PRO B 245 4.32 10.60 7.31
CA PRO B 245 5.44 10.61 6.37
C PRO B 245 5.00 10.09 5.00
N TYR B 246 5.82 10.34 3.98
CA TYR B 246 5.46 9.94 2.63
C TYR B 246 4.29 10.76 2.11
N ALA B 247 3.54 11.35 3.04
CA ALA B 247 2.49 12.29 2.69
C ALA B 247 2.90 13.71 3.06
N GLN B 248 3.38 14.46 2.07
CA GLN B 248 3.77 15.85 2.26
C GLN B 248 3.37 16.68 1.05
N PHE B 249 2.94 15.99 0.00
CA PHE B 249 2.48 16.65 -1.22
C PHE B 249 1.39 15.83 -1.88
N ILE B 250 0.43 16.50 -2.49
CA ILE B 250 -0.60 15.83 -3.26
C ILE B 250 -0.90 16.57 -4.56
N LEU B 251 -0.89 15.82 -5.66
CA LEU B 251 -1.26 16.37 -6.96
C LEU B 251 -2.56 15.73 -7.45
N ASP B 253 -6.69 16.17 -9.42
CA ASP B 253 -7.51 16.86 -10.41
C ASP B 253 -8.70 17.54 -9.75
N THR B 255 -11.95 17.03 -10.15
CA THR B 255 -12.90 16.04 -9.65
C THR B 255 -12.53 15.57 -8.25
N PHE B 257 -10.66 17.07 -6.28
CA PHE B 257 -10.65 18.24 -5.40
C PHE B 257 -12.05 18.54 -4.87
N ASN B 258 -13.06 17.97 -5.52
CA ASN B 258 -14.44 18.11 -5.06
C ASN B 258 -14.84 16.97 -4.15
N SER B 259 -14.01 15.93 -4.11
CA SER B 259 -14.27 14.77 -3.25
C SER B 259 -14.73 15.23 -1.87
N ALA B 260 -15.57 14.44 -1.24
CA ALA B 260 -16.02 14.72 0.12
C ALA B 260 -14.84 14.65 1.09
N TYR B 261 -13.90 13.74 0.81
CA TYR B 261 -12.80 13.49 1.71
C TYR B 261 -11.77 14.62 1.70
N VAL B 262 -11.47 15.12 0.50
CA VAL B 262 -10.52 16.22 0.37
C VAL B 262 -11.06 17.51 1.01
N GLN B 263 -12.26 17.91 0.60
CA GLN B 263 -12.88 19.13 1.11
C GLN B 263 -13.10 19.06 2.62
N PHE B 265 -11.88 16.73 5.18
CA PHE B 265 -10.78 16.48 6.10
C PHE B 265 -9.61 17.45 5.89
N PHE B 266 -9.34 17.79 4.65
CA PHE B 266 -8.22 18.67 4.32
C PHE B 266 -8.62 20.14 4.39
N LEU B 267 -9.48 20.56 3.47
CA LEU B 267 -9.98 21.93 3.46
C LEU B 267 -10.80 22.24 4.70
N GLY B 268 -11.16 21.19 5.44
CA GLY B 268 -12.00 21.35 6.63
C GLY B 268 -13.32 22.03 6.34
N ASN B 269 -13.39 22.73 5.20
CA ASN B 269 -14.59 23.45 4.82
C ASN B 269 -15.64 22.55 4.19
N TYR B 270 -16.47 21.93 5.03
CA TYR B 270 -17.57 21.10 4.55
C TYR B 270 -18.87 21.88 4.50
N ASN B 273 -23.50 21.79 7.74
CA ASN B 273 -24.04 21.30 6.48
C ASN B 273 -24.92 20.08 6.70
N LEU B 274 -24.45 18.93 6.24
CA LEU B 274 -25.17 17.66 6.42
C LEU B 274 -24.45 16.76 7.42
N PHE B 275 -23.43 17.32 8.08
CA PHE B 275 -22.62 16.56 9.03
C PHE B 275 -22.35 17.37 10.29
N ASP B 276 -21.93 16.69 11.35
CA ASP B 276 -21.55 17.35 12.58
C ASP B 276 -20.17 16.90 13.04
N LEU B 277 -19.22 17.83 13.07
CA LEU B 277 -17.85 17.54 13.47
C LEU B 277 -17.78 17.06 14.92
N VAL B 278 -17.89 15.75 15.11
CA VAL B 278 -17.97 15.18 16.46
C VAL B 278 -16.58 14.97 17.05
N ILE B 279 -15.63 14.57 16.20
CA ILE B 279 -14.26 14.32 16.65
C ILE B 279 -13.25 14.94 15.70
N ASN B 280 -13.03 16.24 15.84
CA ASN B 280 -12.03 16.94 15.05
C ASN B 280 -10.62 16.74 15.61
N SER B 281 -9.90 15.78 15.04
CA SER B 281 -8.54 15.48 15.47
C SER B 281 -7.52 15.92 14.44
N ARG B 282 -6.25 15.72 14.76
CA ARG B 282 -5.16 16.07 13.85
C ARG B 282 -4.80 14.90 12.96
N ASP B 283 -5.15 13.69 13.42
CA ASP B 283 -4.87 12.48 12.66
C ASP B 283 -6.13 11.96 11.96
N ALA B 284 -7.28 12.24 12.56
CA ALA B 284 -8.55 11.80 12.00
C ALA B 284 -9.56 12.95 11.93
N VAL B 286 -13.67 12.31 12.58
CA VAL B 286 -14.95 11.60 12.61
C VAL B 286 -16.11 12.57 12.38
N PHE B 287 -16.95 12.26 11.39
CA PHE B 287 -18.07 13.11 11.04
C PHE B 287 -19.40 12.44 11.38
N LEU B 289 -23.32 12.06 10.33
CA LEU B 289 -24.34 12.24 9.30
C LEU B 289 -25.74 12.23 9.90
N ILE B 291 -28.84 13.90 8.40
CA ILE B 291 -29.73 13.58 7.30
C ILE B 291 -29.58 12.12 6.86
#